data_5UFE
#
_entry.id   5UFE
#
_cell.length_a   48.713
_cell.length_b   64.648
_cell.length_c   74.506
_cell.angle_alpha   90.00
_cell.angle_beta   90.00
_cell.angle_gamma   90.00
#
_symmetry.space_group_name_H-M   'P 21 21 21'
#
loop_
_entity.id
_entity.type
_entity.pdbx_description
1 polymer 'GTPase KRas'
2 polymer R11.1.6
3 non-polymer 'PHOSPHOAMINOPHOSPHONIC ACID-GUANYLATE ESTER'
4 non-polymer 'CALCIUM ION'
5 non-polymer 'CADMIUM ION'
6 non-polymer 'CHLORIDE ION'
7 non-polymer 'MAGNESIUM ION'
8 non-polymer 'COBALT (II) ION'
9 water water
#
loop_
_entity_poly.entity_id
_entity_poly.type
_entity_poly.pdbx_seq_one_letter_code
_entity_poly.pdbx_strand_id
1 'polypeptide(L)'
;MTEYKLVVVGAGGVGKSALTIQLIQNHFVDEYDPTIEDSYRKQVVIDGETCLLDILDTAGQEEYSAMRDQYMRTGEGFLC
VFAINNTKSFEDIHHYREQIKRVKDSEDVPMVLVGNKCDLPSRTVDTKQAQDLARSYGIPFIETSAKTRQGVDDAFYTLV
REIRKH
;
A
2 'polypeptide(L)' ATVKFTHQGEEKQVDISKIKWVIRWGQYIWFKYDEDGGAKGWGYVSEKDAPKELLQMLKKR B
#
loop_
_chem_comp.id
_chem_comp.type
_chem_comp.name
_chem_comp.formula
CA non-polymer 'CALCIUM ION' 'Ca 2'
CD non-polymer 'CADMIUM ION' 'Cd 2'
CL non-polymer 'CHLORIDE ION' 'Cl -1'
CO non-polymer 'COBALT (II) ION' 'Co 2'
GNP non-polymer 'PHOSPHOAMINOPHOSPHONIC ACID-GUANYLATE ESTER' 'C10 H17 N6 O13 P3'
MG non-polymer 'MAGNESIUM ION' 'Mg 2'
#
# COMPACT_ATOMS: atom_id res chain seq x y z
N MET A 1 -16.36 3.86 -5.08
CA MET A 1 -16.93 5.20 -4.97
C MET A 1 -17.22 5.57 -3.50
N THR A 2 -17.37 4.56 -2.66
CA THR A 2 -17.45 4.78 -1.22
C THR A 2 -16.19 4.25 -0.56
N GLU A 3 -15.80 3.03 -0.92
CA GLU A 3 -14.55 2.47 -0.43
C GLU A 3 -13.47 2.44 -1.50
N TYR A 4 -12.25 2.86 -1.14
CA TYR A 4 -11.09 2.83 -2.05
C TYR A 4 -9.94 2.02 -1.49
N LYS A 5 -9.52 0.98 -2.20
CA LYS A 5 -8.37 0.18 -1.76
C LYS A 5 -7.07 0.79 -2.27
N LEU A 6 -6.30 1.36 -1.35
CA LEU A 6 -5.04 2.00 -1.70
C LEU A 6 -3.89 1.13 -1.22
N VAL A 7 -2.91 0.94 -2.08
CA VAL A 7 -1.68 0.24 -1.73
C VAL A 7 -0.54 1.23 -1.77
N VAL A 8 0.28 1.22 -0.72
CA VAL A 8 1.48 2.05 -0.65
C VAL A 8 2.74 1.21 -0.88
N VAL A 9 3.51 1.54 -1.90
CA VAL A 9 4.68 0.75 -2.22
C VAL A 9 5.90 1.66 -2.39
N GLY A 10 7.09 1.07 -2.29
CA GLY A 10 8.33 1.81 -2.37
C GLY A 10 9.43 1.06 -1.64
N ALA A 11 10.68 1.39 -1.95
CA ALA A 11 11.87 0.80 -1.32
C ALA A 11 11.92 1.02 0.19
N GLY A 12 12.69 0.17 0.85
CA GLY A 12 12.88 0.27 2.29
C GLY A 12 13.30 1.64 2.73
N GLY A 13 12.57 2.19 3.70
CA GLY A 13 12.98 3.43 4.34
C GLY A 13 12.57 4.74 3.69
N VAL A 14 11.79 4.68 2.60
CA VAL A 14 11.40 5.91 1.91
C VAL A 14 10.33 6.70 2.69
N GLY A 15 9.69 6.04 3.66
CA GLY A 15 8.63 6.65 4.45
C GLY A 15 7.19 6.18 4.18
N LYS A 16 7.03 5.00 3.59
CA LYS A 16 5.70 4.44 3.37
C LYS A 16 4.90 4.44 4.67
N SER A 17 5.47 3.88 5.74
CA SER A 17 4.75 3.83 7.00
C SER A 17 4.57 5.23 7.63
N ALA A 18 5.60 6.07 7.59
CA ALA A 18 5.49 7.43 8.13
C ALA A 18 4.36 8.21 7.44
N LEU A 19 4.33 8.16 6.12
CA LEU A 19 3.28 8.85 5.36
C LEU A 19 1.89 8.32 5.74
N THR A 20 1.76 7.01 5.80
CA THR A 20 0.47 6.40 6.13
C THR A 20 0.01 6.85 7.51
N ILE A 21 0.93 6.87 8.48
CA ILE A 21 0.58 7.24 9.85
C ILE A 21 0.27 8.74 9.97
N GLN A 22 0.94 9.57 9.17
CA GLN A 22 0.57 10.98 9.14
C GLN A 22 -0.88 11.15 8.69
N LEU A 23 -1.30 10.38 7.69
CA LEU A 23 -2.68 10.47 7.21
C LEU A 23 -3.68 10.04 8.28
N ILE A 24 -3.36 8.94 8.96
CA ILE A 24 -4.27 8.32 9.94
C ILE A 24 -4.35 9.08 11.26
N GLN A 25 -3.20 9.46 11.81
CA GLN A 25 -3.14 10.03 13.16
C GLN A 25 -2.87 11.53 13.18
N ASN A 26 -2.75 12.13 11.99
CA ASN A 26 -2.59 13.57 11.88
C ASN A 26 -1.38 14.12 12.62
N HIS A 27 -0.38 13.28 12.85
CA HIS A 27 0.90 13.76 13.37
C HIS A 27 2.04 12.80 13.03
N PHE A 28 3.27 13.21 13.31
CA PHE A 28 4.43 12.40 12.92
C PHE A 28 4.82 11.47 14.06
N VAL A 29 4.56 10.17 13.89
CA VAL A 29 4.97 9.21 14.91
C VAL A 29 6.39 8.74 14.64
N ASP A 30 7.32 9.25 15.43
CA ASP A 30 8.71 8.84 15.31
C ASP A 30 8.89 7.42 15.84
N GLU A 31 9.82 6.68 15.23
CA GLU A 31 10.13 5.29 15.59
C GLU A 31 9.00 4.29 15.31
N TYR A 32 8.11 4.62 14.40
CA TYR A 32 7.06 3.67 14.04
C TYR A 32 7.55 2.81 12.88
N ASP A 33 7.70 1.51 13.12
CA ASP A 33 8.28 0.64 12.12
C ASP A 33 7.73 -0.78 12.09
N PRO A 34 6.47 -0.95 11.65
CA PRO A 34 5.93 -2.31 11.52
C PRO A 34 6.79 -3.10 10.55
N THR A 35 7.10 -4.35 10.87
CA THR A 35 8.00 -5.10 10.00
C THR A 35 7.20 -5.83 8.92
N ILE A 36 5.98 -6.19 9.26
CA ILE A 36 5.07 -6.85 8.34
C ILE A 36 4.10 -5.76 7.77
N GLU A 37 3.54 -5.97 6.59
CA GLU A 37 2.57 -5.00 6.08
C GLU A 37 1.39 -4.92 7.04
N ASP A 38 0.73 -3.78 7.06
CA ASP A 38 -0.45 -3.59 7.88
C ASP A 38 -1.45 -2.69 7.18
N SER A 39 -2.73 -2.83 7.54
CA SER A 39 -3.80 -2.06 6.91
C SER A 39 -4.36 -0.99 7.85
N TYR A 40 -4.89 0.07 7.26
CA TYR A 40 -5.39 1.22 8.00
C TYR A 40 -6.63 1.75 7.29
N ARG A 41 -7.66 2.08 8.04
CA ARG A 41 -8.89 2.60 7.45
C ARG A 41 -9.11 4.03 7.90
N LYS A 42 -9.58 4.90 7.01
CA LYS A 42 -9.94 6.26 7.41
C LYS A 42 -11.11 6.81 6.63
N GLN A 43 -12.03 7.43 7.36
CA GLN A 43 -13.13 8.20 6.80
C GLN A 43 -12.65 9.61 6.50
N VAL A 44 -12.76 10.01 5.24
CA VAL A 44 -12.36 11.36 4.82
C VAL A 44 -13.42 11.96 3.90
N VAL A 45 -13.44 13.29 3.81
CA VAL A 45 -14.25 13.95 2.80
C VAL A 45 -13.36 14.45 1.68
N ILE A 46 -13.65 14.03 0.46
CA ILE A 46 -12.89 14.46 -0.71
C ILE A 46 -13.83 15.00 -1.76
N ASP A 47 -13.71 16.31 -2.04
CA ASP A 47 -14.56 16.98 -3.01
C ASP A 47 -16.04 16.76 -2.74
N GLY A 48 -16.44 16.94 -1.48
CA GLY A 48 -17.83 16.73 -1.10
C GLY A 48 -18.16 15.31 -0.67
N GLU A 49 -17.69 14.33 -1.45
CA GLU A 49 -18.03 12.93 -1.22
C GLU A 49 -17.29 12.39 0.02
N THR A 50 -18.03 11.83 0.96
CA THR A 50 -17.46 11.14 2.10
C THR A 50 -17.07 9.74 1.64
N CYS A 51 -15.87 9.28 1.99
CA CYS A 51 -15.44 7.96 1.55
C CYS A 51 -14.47 7.27 2.50
N LEU A 52 -14.33 5.96 2.30
CA LEU A 52 -13.51 5.12 3.18
C LEU A 52 -12.23 4.70 2.48
N LEU A 53 -11.12 5.21 2.98
CA LEU A 53 -9.82 4.78 2.50
C LEU A 53 -9.46 3.50 3.23
N ASP A 54 -9.28 2.42 2.48
CA ASP A 54 -8.75 1.18 3.03
C ASP A 54 -7.32 1.04 2.53
N ILE A 55 -6.37 1.30 3.43
CA ILE A 55 -4.98 1.48 3.04
C ILE A 55 -4.10 0.32 3.46
N LEU A 56 -3.43 -0.30 2.50
CA LEU A 56 -2.41 -1.32 2.78
C LEU A 56 -0.98 -0.74 2.69
N ASP A 57 -0.31 -0.72 3.84
CA ASP A 57 1.06 -0.23 3.91
C ASP A 57 2.00 -1.41 3.80
N THR A 58 2.57 -1.63 2.61
CA THR A 58 3.29 -2.88 2.32
C THR A 58 4.60 -2.98 3.09
N ALA A 59 5.04 -4.22 3.27
CA ALA A 59 6.32 -4.51 3.92
C ALA A 59 7.49 -4.15 3.01
N GLY A 60 8.58 -3.70 3.63
CA GLY A 60 9.78 -3.38 2.88
C GLY A 60 10.22 -4.62 2.12
N GLN A 61 10.27 -5.74 2.81
CA GLN A 61 10.71 -7.00 2.22
C GLN A 61 9.62 -8.06 2.33
N GLU A 62 8.72 -8.06 1.36
CA GLU A 62 7.62 -9.00 1.33
C GLU A 62 8.15 -10.43 1.13
N GLU A 63 7.80 -11.32 2.04
CA GLU A 63 8.33 -12.69 2.03
C GLU A 63 7.77 -13.53 0.89
N TYR A 64 6.52 -13.29 0.54
CA TYR A 64 5.85 -14.05 -0.50
C TYR A 64 5.52 -13.17 -1.69
N SER A 65 6.21 -13.42 -2.80
CA SER A 65 6.01 -12.70 -4.04
C SER A 65 4.58 -12.82 -4.57
N ALA A 66 4.03 -14.04 -4.52
CA ALA A 66 2.65 -14.25 -4.95
C ALA A 66 1.70 -13.46 -4.05
N MET A 67 2.06 -13.28 -2.79
CA MET A 67 1.21 -12.51 -1.87
C MET A 67 1.27 -11.02 -2.24
N ARG A 68 2.48 -10.54 -2.54
CA ARG A 68 2.66 -9.21 -3.14
C ARG A 68 1.79 -9.02 -4.38
N ASP A 69 1.88 -9.94 -5.32
CA ASP A 69 1.04 -9.90 -6.53
C ASP A 69 -0.47 -9.85 -6.24
N GLN A 70 -0.96 -10.66 -5.30
CA GLN A 70 -2.40 -10.69 -5.00
C GLN A 70 -2.85 -9.35 -4.40
N TYR A 71 -2.01 -8.78 -3.55
CA TYR A 71 -2.26 -7.44 -3.03
C TYR A 71 -2.45 -6.45 -4.17
N MET A 72 -1.61 -6.57 -5.20
CA MET A 72 -1.63 -5.64 -6.32
C MET A 72 -2.87 -5.82 -7.18
N ARG A 73 -3.29 -7.06 -7.40
CA ARG A 73 -4.53 -7.36 -8.13
C ARG A 73 -5.75 -6.80 -7.42
N THR A 74 -5.73 -6.87 -6.09
CA THR A 74 -6.86 -6.43 -5.28
C THR A 74 -6.91 -4.92 -5.12
N GLY A 75 -5.76 -4.26 -5.10
CA GLY A 75 -5.75 -2.81 -4.96
C GLY A 75 -6.33 -2.06 -6.16
N GLU A 76 -6.97 -0.92 -5.86
CA GLU A 76 -7.53 -0.07 -6.91
C GLU A 76 -6.60 1.08 -7.28
N GLY A 77 -5.80 1.54 -6.31
CA GLY A 77 -4.91 2.67 -6.51
C GLY A 77 -3.57 2.52 -5.79
N PHE A 78 -2.52 3.06 -6.39
CA PHE A 78 -1.19 2.85 -5.84
C PHE A 78 -0.39 4.14 -5.66
N LEU A 79 0.12 4.28 -4.45
CA LEU A 79 1.01 5.36 -4.09
C LEU A 79 2.42 4.80 -4.23
N CYS A 80 3.13 5.27 -5.25
CA CYS A 80 4.48 4.81 -5.51
C CYS A 80 5.48 5.78 -4.91
N VAL A 81 6.09 5.39 -3.80
CA VAL A 81 6.92 6.32 -3.05
C VAL A 81 8.43 6.14 -3.26
N PHE A 82 9.14 7.23 -3.51
CA PHE A 82 10.59 7.23 -3.40
C PHE A 82 10.99 8.31 -2.40
N ALA A 83 12.28 8.39 -2.09
CA ALA A 83 12.77 9.45 -1.23
C ALA A 83 13.72 10.36 -2.02
N ILE A 84 13.58 11.67 -1.85
CA ILE A 84 14.36 12.65 -2.61
C ILE A 84 15.87 12.64 -2.29
N ASN A 85 16.29 11.91 -1.26
CA ASN A 85 17.73 11.77 -1.01
C ASN A 85 18.25 10.38 -1.31
N ASN A 86 17.45 9.58 -2.03
CA ASN A 86 17.82 8.20 -2.36
C ASN A 86 17.53 7.91 -3.83
N THR A 87 18.56 8.04 -4.66
CA THR A 87 18.44 7.84 -6.09
C THR A 87 17.95 6.43 -6.43
N LYS A 88 18.35 5.46 -5.61
CA LYS A 88 17.98 4.07 -5.87
C LYS A 88 16.46 3.89 -5.75
N SER A 89 15.88 4.50 -4.71
CA SER A 89 14.45 4.45 -4.49
C SER A 89 13.71 5.02 -5.69
N PHE A 90 14.27 6.07 -6.30
CA PHE A 90 13.62 6.73 -7.43
C PHE A 90 13.77 5.87 -8.70
N GLU A 91 14.93 5.25 -8.90
CA GLU A 91 15.08 4.35 -10.04
C GLU A 91 14.14 3.16 -9.95
N ASP A 92 13.83 2.74 -8.72
CA ASP A 92 12.89 1.65 -8.49
C ASP A 92 11.52 1.91 -9.08
N ILE A 93 11.12 3.18 -9.14
CA ILE A 93 9.77 3.54 -9.57
C ILE A 93 9.35 2.88 -10.88
N HIS A 94 10.25 2.95 -11.87
CA HIS A 94 10.00 2.39 -13.18
C HIS A 94 9.50 0.95 -13.10
N HIS A 95 10.06 0.21 -12.15
CA HIS A 95 9.79 -1.23 -12.01
C HIS A 95 8.55 -1.52 -11.16
N TYR A 96 8.32 -0.72 -10.12
CA TYR A 96 7.05 -0.79 -9.40
C TYR A 96 5.90 -0.61 -10.39
N ARG A 97 6.04 0.38 -11.26
CA ARG A 97 4.96 0.71 -12.16
C ARG A 97 4.67 -0.42 -13.13
N GLU A 98 5.69 -0.94 -13.79
CA GLU A 98 5.42 -1.91 -14.84
C GLU A 98 5.14 -3.28 -14.20
N GLN A 99 5.66 -3.51 -13.00
CA GLN A 99 5.27 -4.70 -12.23
C GLN A 99 3.76 -4.66 -11.89
N ILE A 100 3.31 -3.53 -11.35
CA ILE A 100 1.90 -3.34 -11.06
C ILE A 100 1.05 -3.51 -12.32
N LYS A 101 1.46 -2.87 -13.41
CA LYS A 101 0.75 -3.02 -14.69
C LYS A 101 0.74 -4.46 -15.20
N ARG A 102 1.89 -5.13 -15.14
CA ARG A 102 1.99 -6.56 -15.51
C ARG A 102 1.02 -7.38 -14.65
N VAL A 103 1.09 -7.21 -13.34
CA VAL A 103 0.33 -8.07 -12.45
C VAL A 103 -1.19 -7.84 -12.56
N LYS A 104 -1.61 -6.59 -12.76
CA LYS A 104 -3.04 -6.29 -12.90
C LYS A 104 -3.46 -6.42 -14.35
N ASP A 105 -2.49 -6.72 -15.22
CA ASP A 105 -2.75 -6.97 -16.62
C ASP A 105 -3.57 -5.81 -17.20
N SER A 106 -3.01 -4.61 -17.06
CA SER A 106 -3.68 -3.37 -17.49
C SER A 106 -2.66 -2.31 -17.90
N GLU A 107 -2.98 -1.55 -18.94
CA GLU A 107 -2.12 -0.47 -19.42
C GLU A 107 -2.33 0.83 -18.63
N ASP A 108 -3.40 0.90 -17.85
CA ASP A 108 -3.74 2.12 -17.13
C ASP A 108 -4.31 1.81 -15.74
N VAL A 109 -3.45 1.87 -14.74
CA VAL A 109 -3.82 1.66 -13.33
C VAL A 109 -3.62 2.98 -12.61
N PRO A 110 -4.61 3.42 -11.81
CA PRO A 110 -4.49 4.68 -11.05
C PRO A 110 -3.26 4.71 -10.14
N MET A 111 -2.41 5.72 -10.34
CA MET A 111 -1.17 5.84 -9.58
C MET A 111 -0.85 7.28 -9.28
N VAL A 112 -0.06 7.50 -8.24
CA VAL A 112 0.52 8.79 -7.94
C VAL A 112 1.97 8.58 -7.57
N LEU A 113 2.84 9.43 -8.13
CA LEU A 113 4.25 9.44 -7.79
C LEU A 113 4.47 10.31 -6.57
N VAL A 114 5.04 9.74 -5.52
CA VAL A 114 5.34 10.48 -4.31
C VAL A 114 6.84 10.49 -4.04
N GLY A 115 7.40 11.70 -3.93
CA GLY A 115 8.77 11.89 -3.50
C GLY A 115 8.80 12.42 -2.09
N ASN A 116 9.02 11.54 -1.11
CA ASN A 116 8.94 11.90 0.30
C ASN A 116 10.26 12.46 0.85
N LYS A 117 10.15 13.13 2.01
CA LYS A 117 11.26 13.74 2.77
C LYS A 117 11.70 15.09 2.21
N CYS A 118 10.76 15.91 1.74
CA CYS A 118 11.18 17.19 1.16
C CYS A 118 11.50 18.25 2.21
N ASP A 119 11.45 17.84 3.49
CA ASP A 119 11.98 18.64 4.61
C ASP A 119 13.50 18.60 4.73
N LEU A 120 14.14 17.77 3.92
CA LEU A 120 15.58 17.50 4.08
C LEU A 120 16.40 18.60 3.44
N PRO A 121 17.56 18.91 4.05
CA PRO A 121 18.38 20.03 3.56
C PRO A 121 19.10 19.68 2.27
N SER A 122 19.03 18.41 1.85
CA SER A 122 19.69 17.97 0.61
C SER A 122 18.79 17.15 -0.31
N ARG A 123 19.13 17.22 -1.59
CA ARG A 123 18.43 16.52 -2.68
C ARG A 123 19.44 15.68 -3.45
N THR A 124 19.06 14.47 -3.84
CA THR A 124 19.83 13.77 -4.88
C THR A 124 18.96 13.49 -6.10
N VAL A 125 17.65 13.52 -5.90
CA VAL A 125 16.73 13.43 -7.01
C VAL A 125 16.15 14.81 -7.26
N ASP A 126 16.48 15.38 -8.41
CA ASP A 126 16.02 16.71 -8.73
C ASP A 126 14.52 16.72 -9.03
N THR A 127 13.85 17.81 -8.68
CA THR A 127 12.41 17.93 -8.93
C THR A 127 12.11 17.73 -10.41
N LYS A 128 13.02 18.17 -11.26
CA LYS A 128 12.83 18.03 -12.70
C LYS A 128 12.76 16.56 -13.12
N GLN A 129 13.58 15.73 -12.49
CA GLN A 129 13.60 14.30 -12.80
C GLN A 129 12.27 13.64 -12.51
N ALA A 130 11.64 14.03 -11.42
CA ALA A 130 10.42 13.38 -10.97
C ALA A 130 9.25 13.87 -11.79
N GLN A 131 9.25 15.17 -12.10
CA GLN A 131 8.20 15.78 -12.92
C GLN A 131 8.20 15.22 -14.32
N ASP A 132 9.39 15.07 -14.90
CA ASP A 132 9.54 14.49 -16.24
C ASP A 132 9.05 13.03 -16.24
N LEU A 133 9.35 12.29 -15.17
CA LEU A 133 8.97 10.88 -15.09
C LEU A 133 7.46 10.75 -14.96
N ALA A 134 6.87 11.52 -14.05
CA ALA A 134 5.42 11.51 -13.87
C ALA A 134 4.71 11.90 -15.18
N ARG A 135 5.20 12.94 -15.84
CA ARG A 135 4.57 13.33 -17.10
C ARG A 135 4.61 12.20 -18.13
N SER A 136 5.72 11.46 -18.18
CA SER A 136 5.82 10.35 -19.13
C SER A 136 4.85 9.22 -18.75
N TYR A 137 4.45 9.17 -17.49
CA TYR A 137 3.50 8.14 -17.06
C TYR A 137 2.08 8.67 -17.15
N GLY A 138 1.96 9.98 -17.37
CA GLY A 138 0.66 10.63 -17.35
C GLY A 138 0.00 10.55 -15.98
N ILE A 139 0.80 10.67 -14.92
CA ILE A 139 0.25 10.65 -13.56
C ILE A 139 0.74 11.87 -12.78
N PRO A 140 -0.01 12.24 -11.73
CA PRO A 140 0.42 13.29 -10.80
C PRO A 140 1.70 12.94 -10.03
N PHE A 141 2.54 13.96 -9.82
CA PHE A 141 3.68 13.87 -8.92
C PHE A 141 3.51 14.81 -7.74
N ILE A 142 3.63 14.26 -6.54
CA ILE A 142 3.48 15.06 -5.34
C ILE A 142 4.66 14.84 -4.42
N GLU A 143 5.34 15.95 -4.10
CA GLU A 143 6.50 15.93 -3.24
C GLU A 143 6.05 16.14 -1.80
N THR A 144 6.44 15.24 -0.90
CA THR A 144 5.88 15.27 0.45
C THR A 144 6.93 15.24 1.56
N SER A 145 6.44 15.44 2.77
CA SER A 145 7.23 15.24 3.98
C SER A 145 6.31 14.69 5.04
N ALA A 146 6.53 13.45 5.44
CA ALA A 146 5.77 12.89 6.55
C ALA A 146 6.20 13.57 7.84
N LYS A 147 7.36 14.21 7.84
CA LYS A 147 7.82 14.88 9.06
C LYS A 147 7.04 16.17 9.31
N THR A 148 6.91 17.00 8.29
CA THR A 148 6.20 18.28 8.43
C THR A 148 4.73 18.20 8.01
N ARG A 149 4.36 17.08 7.39
CA ARG A 149 3.02 16.79 6.83
C ARG A 149 2.75 17.50 5.49
N GLN A 150 3.73 18.28 5.02
CA GLN A 150 3.69 18.87 3.67
C GLN A 150 3.25 17.85 2.62
N GLY A 151 2.18 18.17 1.89
CA GLY A 151 1.71 17.34 0.79
C GLY A 151 1.05 16.01 1.10
N VAL A 152 0.92 15.66 2.38
CA VAL A 152 0.47 14.31 2.75
C VAL A 152 -1.01 14.04 2.37
N ASP A 153 -1.95 14.88 2.84
CA ASP A 153 -3.36 14.70 2.46
C ASP A 153 -3.50 14.73 0.96
N ASP A 154 -2.79 15.68 0.36
CA ASP A 154 -2.83 15.87 -1.06
C ASP A 154 -2.44 14.60 -1.83
N ALA A 155 -1.44 13.88 -1.35
CA ALA A 155 -0.98 12.66 -2.01
C ALA A 155 -2.08 11.58 -2.01
N PHE A 156 -2.70 11.34 -0.85
CA PHE A 156 -3.76 10.34 -0.76
C PHE A 156 -5.06 10.79 -1.46
N TYR A 157 -5.40 12.06 -1.35
CA TYR A 157 -6.64 12.56 -1.94
C TYR A 157 -6.56 12.54 -3.46
N THR A 158 -5.39 12.90 -3.97
CA THR A 158 -5.16 12.90 -5.40
C THR A 158 -5.25 11.46 -5.92
N LEU A 159 -4.77 10.49 -5.15
CA LEU A 159 -4.86 9.09 -5.58
C LEU A 159 -6.33 8.68 -5.71
N VAL A 160 -7.14 9.06 -4.75
CA VAL A 160 -8.58 8.83 -4.82
C VAL A 160 -9.17 9.45 -6.08
N ARG A 161 -8.73 10.67 -6.43
CA ARG A 161 -9.22 11.33 -7.62
C ARG A 161 -8.83 10.57 -8.89
N GLU A 162 -7.62 10.02 -8.91
CA GLU A 162 -7.17 9.25 -10.05
C GLU A 162 -8.04 8.00 -10.19
N ILE A 163 -8.49 7.46 -9.06
CA ILE A 163 -9.37 6.29 -9.11
C ILE A 163 -10.78 6.65 -9.62
N ARG A 164 -11.34 7.74 -9.10
CA ARG A 164 -12.65 8.22 -9.54
C ARG A 164 -12.76 8.40 -11.06
N LYS A 165 -11.68 8.83 -11.71
CA LYS A 165 -11.67 8.97 -13.17
C LYS A 165 -11.07 7.72 -13.84
N HIS A 166 -11.02 6.61 -13.09
CA HIS A 166 -10.53 5.32 -13.58
C HIS A 166 -9.26 5.43 -14.44
N ALA B 1 -10.47 -24.02 14.85
CA ALA B 1 -11.24 -23.88 13.62
C ALA B 1 -10.37 -24.28 12.43
N THR B 2 -11.00 -24.39 11.25
CA THR B 2 -10.30 -24.63 9.99
C THR B 2 -10.53 -23.47 9.03
N VAL B 3 -9.48 -23.01 8.36
CA VAL B 3 -9.65 -22.00 7.33
C VAL B 3 -9.50 -22.61 5.94
N LYS B 4 -10.57 -22.52 5.15
CA LYS B 4 -10.58 -23.02 3.79
C LYS B 4 -10.38 -21.86 2.81
N PHE B 5 -9.40 -22.00 1.91
CA PHE B 5 -9.07 -20.90 0.99
C PHE B 5 -8.55 -21.47 -0.32
N THR B 6 -8.33 -20.61 -1.31
CA THR B 6 -7.85 -21.10 -2.61
C THR B 6 -6.48 -20.52 -2.97
N GLY B 9 -3.81 -22.10 -7.40
CA GLY B 9 -5.22 -21.99 -7.72
C GLY B 9 -6.04 -23.17 -7.22
N GLU B 10 -5.54 -23.85 -6.19
CA GLU B 10 -6.23 -25.01 -5.65
C GLU B 10 -6.93 -24.68 -4.31
N GLU B 11 -7.84 -25.55 -3.90
CA GLU B 11 -8.50 -25.42 -2.60
C GLU B 11 -7.63 -26.04 -1.50
N LYS B 12 -7.22 -25.23 -0.53
CA LYS B 12 -6.42 -25.72 0.58
C LYS B 12 -7.12 -25.43 1.92
N GLN B 13 -6.60 -26.04 2.98
CA GLN B 13 -7.14 -25.85 4.33
C GLN B 13 -6.02 -25.82 5.34
N VAL B 14 -6.15 -24.98 6.36
CA VAL B 14 -5.18 -24.96 7.46
C VAL B 14 -5.88 -24.77 8.79
N ASP B 15 -5.37 -25.44 9.81
CA ASP B 15 -5.92 -25.26 11.15
C ASP B 15 -5.55 -23.88 11.66
N ILE B 16 -6.53 -23.21 12.25
CA ILE B 16 -6.35 -21.86 12.75
C ILE B 16 -5.29 -21.80 13.84
N SER B 17 -4.99 -22.94 14.47
CA SER B 17 -3.91 -23.01 15.44
C SER B 17 -2.53 -22.78 14.83
N LYS B 18 -2.44 -22.85 13.50
CA LYS B 18 -1.16 -22.67 12.84
C LYS B 18 -1.01 -21.25 12.30
N ILE B 19 -2.03 -20.42 12.44
CA ILE B 19 -1.97 -19.07 11.88
C ILE B 19 -1.27 -18.10 12.84
N LYS B 20 -0.17 -17.49 12.38
CA LYS B 20 0.67 -16.66 13.24
C LYS B 20 0.43 -15.17 13.05
N TRP B 21 -0.32 -14.81 12.00
CA TRP B 21 -0.50 -13.41 11.63
C TRP B 21 -1.73 -13.26 10.75
N VAL B 22 -2.53 -12.22 11.01
CA VAL B 22 -3.72 -12.02 10.20
C VAL B 22 -4.20 -10.56 10.18
N ILE B 23 -4.51 -10.07 8.98
CA ILE B 23 -5.08 -8.73 8.83
C ILE B 23 -6.30 -8.69 7.89
N ARG B 24 -7.10 -7.67 8.07
CA ARG B 24 -8.22 -7.38 7.20
C ARG B 24 -7.82 -6.28 6.22
N TRP B 25 -8.02 -6.51 4.93
CA TRP B 25 -7.84 -5.44 3.94
C TRP B 25 -8.63 -5.64 2.66
N GLY B 26 -9.28 -4.57 2.23
CA GLY B 26 -10.01 -4.55 0.98
C GLY B 26 -10.98 -5.69 0.85
N GLN B 27 -11.77 -5.90 1.90
CA GLN B 27 -12.85 -6.90 1.95
C GLN B 27 -12.36 -8.35 1.93
N TYR B 28 -11.05 -8.56 2.13
CA TYR B 28 -10.52 -9.91 2.32
C TYR B 28 -9.76 -10.00 3.63
N ILE B 29 -9.61 -11.23 4.11
CA ILE B 29 -8.79 -11.53 5.28
C ILE B 29 -7.50 -12.25 4.87
N TRP B 30 -6.35 -11.66 5.24
CA TRP B 30 -5.02 -12.10 4.79
C TRP B 30 -4.27 -12.74 5.94
N PHE B 31 -3.68 -13.90 5.73
CA PHE B 31 -3.04 -14.59 6.85
C PHE B 31 -1.78 -15.33 6.47
N LYS B 32 -0.98 -15.63 7.50
CA LYS B 32 0.21 -16.47 7.36
C LYS B 32 0.14 -17.59 8.38
N TYR B 33 0.76 -18.72 8.04
CA TYR B 33 0.71 -19.92 8.87
C TYR B 33 2.04 -20.66 8.81
N ASP B 34 2.33 -21.45 9.83
CA ASP B 34 3.63 -22.11 9.93
C ASP B 34 3.65 -23.18 11.00
N GLU B 35 4.49 -24.19 10.82
CA GLU B 35 4.79 -25.18 11.85
C GLU B 35 6.27 -25.58 11.79
N ASP B 36 6.66 -26.58 12.59
CA ASP B 36 8.06 -27.03 12.73
C ASP B 36 8.90 -25.93 13.35
N ALA B 39 4.58 -27.36 7.33
CA ALA B 39 4.29 -26.44 6.22
C ALA B 39 4.25 -24.99 6.68
N LYS B 40 4.72 -24.10 5.79
CA LYS B 40 4.69 -22.65 6.00
C LYS B 40 4.08 -21.94 4.78
N GLY B 41 3.38 -20.84 4.98
CA GLY B 41 2.75 -20.18 3.85
C GLY B 41 1.78 -19.05 4.16
N TRP B 42 1.06 -18.62 3.12
CA TRP B 42 0.10 -17.54 3.21
C TRP B 42 -1.18 -17.93 2.49
N GLY B 43 -2.27 -17.27 2.82
CA GLY B 43 -3.51 -17.47 2.10
C GLY B 43 -4.37 -16.26 2.33
N TYR B 44 -5.52 -16.23 1.67
CA TYR B 44 -6.45 -15.13 1.84
C TYR B 44 -7.86 -15.61 1.53
N VAL B 45 -8.81 -15.05 2.24
CA VAL B 45 -10.19 -15.43 2.10
C VAL B 45 -11.08 -14.20 2.24
N SER B 46 -12.20 -14.17 1.51
CA SER B 46 -13.11 -13.05 1.59
C SER B 46 -13.62 -12.86 3.03
N GLU B 47 -14.01 -11.63 3.34
CA GLU B 47 -14.50 -11.29 4.67
C GLU B 47 -15.74 -12.11 5.07
N LYS B 48 -16.55 -12.46 4.08
CA LYS B 48 -17.82 -13.16 4.31
C LYS B 48 -17.67 -14.67 4.22
N ASP B 49 -16.43 -15.15 4.14
CA ASP B 49 -16.18 -16.58 4.01
C ASP B 49 -15.33 -17.05 5.19
N ALA B 50 -14.72 -16.10 5.90
CA ALA B 50 -13.80 -16.42 6.99
C ALA B 50 -14.52 -16.85 8.26
N PRO B 51 -13.99 -17.88 8.95
CA PRO B 51 -14.55 -18.39 10.20
C PRO B 51 -14.48 -17.38 11.33
N LYS B 52 -15.44 -17.44 12.25
CA LYS B 52 -15.50 -16.53 13.39
C LYS B 52 -14.18 -16.50 14.13
N GLU B 53 -13.56 -17.67 14.29
CA GLU B 53 -12.31 -17.77 15.03
C GLU B 53 -11.21 -16.94 14.37
N LEU B 54 -11.24 -16.86 13.03
CA LEU B 54 -10.22 -16.10 12.32
C LEU B 54 -10.46 -14.61 12.49
N LEU B 55 -11.70 -14.18 12.28
CA LEU B 55 -12.09 -12.80 12.53
C LEU B 55 -11.70 -12.33 13.93
N GLN B 56 -11.84 -13.21 14.91
CA GLN B 56 -11.48 -12.90 16.30
C GLN B 56 -9.99 -12.57 16.48
N MET B 57 -9.13 -13.13 15.64
CA MET B 57 -7.69 -12.87 15.74
C MET B 57 -7.27 -11.57 15.08
N LEU B 58 -8.23 -10.76 14.64
CA LEU B 58 -7.88 -9.51 13.98
C LEU B 58 -7.49 -8.45 15.02
PG GNP C . 9.83 -0.11 5.54
O1G GNP C . 9.63 -0.25 4.04
O2G GNP C . 11.03 -0.92 5.95
O3G GNP C . 8.50 -0.42 6.21
N3B GNP C . 10.14 1.45 5.81
PB GNP C . 9.20 2.66 5.34
O1B GNP C . 9.23 2.88 3.88
O2B GNP C . 7.85 2.44 5.91
O3A GNP C . 9.74 3.95 5.98
PA GNP C . 9.60 4.43 7.45
O1A GNP C . 8.31 5.13 7.67
O2A GNP C . 9.97 3.33 8.37
O5' GNP C . 10.68 5.56 7.57
C5' GNP C . 12.05 5.33 7.25
C4' GNP C . 12.92 6.32 8.02
O4' GNP C . 12.84 7.64 7.41
C3' GNP C . 12.55 6.51 9.49
O3' GNP C . 13.73 6.76 10.25
C2' GNP C . 11.63 7.73 9.43
O2' GNP C . 11.56 8.44 10.63
C1' GNP C . 12.26 8.57 8.31
N9 GNP C . 11.30 9.41 7.57
C8 GNP C . 10.09 9.03 7.04
N7 GNP C . 9.44 9.99 6.42
C5 GNP C . 10.28 11.09 6.55
C6 GNP C . 10.11 12.43 6.08
O6 GNP C . 9.16 12.93 5.43
N1 GNP C . 11.22 13.21 6.42
C2 GNP C . 12.32 12.76 7.12
N2 GNP C . 13.30 13.67 7.37
N3 GNP C . 12.46 11.52 7.56
C4 GNP C . 11.42 10.74 7.24
CA CA D . 14.99 6.93 14.18
CA CA E . -4.23 7.11 -16.21
CD CD F . 3.65 -10.32 3.87
CD CD G . 9.25 20.86 1.95
CD CD H . 11.46 -0.77 8.37
CD CD I . 21.57 3.39 -9.89
CL CL J . 16.61 6.91 12.22
CL CL K . 8.86 20.36 4.47
CL CL L . 11.10 -5.21 -11.87
MG MG M . 7.12 0.63 6.61
CO CO N . -13.61 0.48 -4.35
CO CO O . -0.72 12.22 18.27
CO CO P . 11.65 -3.88 -14.78
CA CA Q . 2.09 -21.20 -2.09
#